data_2OYW
#
_entry.id   2OYW
#
_cell.length_a   1.000
_cell.length_b   1.000
_cell.length_c   1.000
_cell.angle_alpha   90.00
_cell.angle_beta   90.00
_cell.angle_gamma   90.00
#
_symmetry.space_group_name_H-M   'P 1'
#
_entity_poly.entity_id   1
_entity_poly.type   'polypeptide(L)'
_entity_poly.pdbx_seq_one_letter_code
;(PCA)LYENKPRRPYIL
;
_entity_poly.pdbx_strand_id   A
#
# COMPACT_ATOMS: atom_id res chain seq x y z
N PCA A 1 -13.08 3.86 12.65
CA PCA A 1 -11.62 4.07 12.60
CB PCA A 1 -11.22 3.16 11.44
CG PCA A 1 -12.34 2.10 11.35
CD PCA A 1 -13.50 2.83 11.98
OE PCA A 1 -14.69 2.51 11.88
C PCA A 1 -11.19 5.56 12.45
O PCA A 1 -11.55 6.23 11.47
H PCA A 1 -13.69 4.48 13.14
HA PCA A 1 -11.16 3.85 13.46
HB2 PCA A 1 -10.34 2.72 11.62
HB3 PCA A 1 -11.16 3.67 10.58
HG2 PCA A 1 -12.53 1.86 10.41
HG3 PCA A 1 -12.10 1.28 11.88
N LEU A 2 -10.40 6.09 13.40
CA LEU A 2 -9.90 7.49 13.35
C LEU A 2 -8.65 7.71 12.42
N TYR A 3 -7.56 6.94 12.61
CA TYR A 3 -6.34 7.04 11.76
C TYR A 3 -6.33 5.88 10.70
N GLU A 4 -6.56 6.21 9.41
CA GLU A 4 -6.46 5.22 8.31
C GLU A 4 -4.98 5.01 7.83
N ASN A 5 -4.44 3.80 8.01
CA ASN A 5 -3.08 3.44 7.51
C ASN A 5 -3.20 2.69 6.14
N LYS A 6 -2.95 3.42 5.03
CA LYS A 6 -3.02 2.83 3.66
C LYS A 6 -1.70 2.04 3.27
N PRO A 7 -1.70 0.69 3.02
CA PRO A 7 -0.43 -0.08 2.81
C PRO A 7 0.24 0.11 1.41
N ARG A 8 1.58 0.08 1.40
CA ARG A 8 2.38 0.27 0.15
C ARG A 8 3.47 -0.85 0.03
N ARG A 9 3.40 -1.64 -1.05
CA ARG A 9 4.45 -2.67 -1.36
C ARG A 9 5.63 -2.05 -2.17
N PRO A 10 6.93 -2.06 -1.73
CA PRO A 10 8.05 -1.44 -2.50
C PRO A 10 8.49 -2.13 -3.83
N TYR A 11 8.59 -3.48 -3.86
CA TYR A 11 8.84 -4.25 -5.09
C TYR A 11 7.51 -4.59 -5.85
N ILE A 12 7.47 -4.30 -7.17
CA ILE A 12 6.32 -4.65 -8.05
C ILE A 12 6.80 -5.84 -8.95
N LEU A 13 6.35 -7.07 -8.64
CA LEU A 13 6.75 -8.31 -9.37
C LEU A 13 5.66 -8.73 -10.41
N PCA A 1 13.44 9.24 8.00
CA PCA A 1 12.42 8.29 7.50
CB PCA A 1 12.70 7.06 8.39
CG PCA A 1 14.18 7.21 8.81
CD PCA A 1 14.39 8.70 8.70
OE PCA A 1 15.32 9.34 9.22
C PCA A 1 10.95 8.82 7.57
O PCA A 1 10.44 9.15 8.64
H PCA A 1 13.39 10.22 7.81
HA PCA A 1 12.49 8.12 6.53
HB2 PCA A 1 12.57 6.22 7.87
HB3 PCA A 1 12.11 7.06 9.19
HG2 PCA A 1 14.32 6.89 9.74
HG3 PCA A 1 14.79 6.71 8.18
N LEU A 2 10.27 8.88 6.41
CA LEU A 2 8.84 9.31 6.34
C LEU A 2 7.88 8.09 6.53
N TYR A 3 7.00 8.17 7.54
CA TYR A 3 6.03 7.08 7.86
C TYR A 3 4.68 7.24 7.07
N GLU A 4 4.39 6.30 6.13
CA GLU A 4 3.06 6.22 5.47
C GLU A 4 1.99 5.53 6.38
N ASN A 5 0.83 6.18 6.54
CA ASN A 5 -0.38 5.54 7.14
C ASN A 5 -1.14 4.49 6.23
N LYS A 6 -1.08 4.62 4.89
CA LYS A 6 -1.69 3.63 3.95
C LYS A 6 -0.64 2.54 3.53
N PRO A 7 -0.92 1.19 3.55
CA PRO A 7 0.11 0.16 3.25
C PRO A 7 0.50 0.03 1.74
N ARG A 8 1.79 0.31 1.44
CA ARG A 8 2.33 0.28 0.05
C ARG A 8 3.46 -0.78 -0.08
N ARG A 9 3.36 -1.70 -1.06
CA ARG A 9 4.42 -2.70 -1.34
C ARG A 9 5.54 -2.10 -2.29
N PRO A 10 6.84 -1.94 -1.89
CA PRO A 10 7.88 -1.35 -2.78
C PRO A 10 8.37 -2.21 -3.99
N TYR A 11 8.63 -3.52 -3.80
CA TYR A 11 9.03 -4.44 -4.89
C TYR A 11 7.77 -5.07 -5.60
N ILE A 12 7.43 -4.54 -6.78
CA ILE A 12 6.31 -5.08 -7.63
C ILE A 12 6.79 -5.12 -9.13
N LEU A 13 6.63 -6.29 -9.78
CA LEU A 13 7.02 -6.49 -11.21
C LEU A 13 5.75 -6.62 -12.11
N PCA A 1 -10.32 -3.32 -3.24
CA PCA A 1 -9.84 -4.24 -2.21
CB PCA A 1 -8.50 -3.57 -1.81
CG PCA A 1 -8.11 -2.74 -3.05
CD PCA A 1 -9.43 -2.49 -3.71
OE PCA A 1 -9.68 -1.63 -4.55
C PCA A 1 -10.82 -4.48 -1.02
O PCA A 1 -11.20 -3.54 -0.32
H PCA A 1 -11.28 -3.34 -3.56
HA PCA A 1 -9.72 -5.19 -2.52
HB2 PCA A 1 -7.80 -4.26 -1.61
HB3 PCA A 1 -8.62 -2.98 -1.02
HG2 PCA A 1 -7.67 -1.88 -2.77
HG3 PCA A 1 -7.48 -3.24 -3.64
N LEU A 2 -11.22 -5.75 -0.80
CA LEU A 2 -12.13 -6.12 0.32
C LEU A 2 -11.41 -6.25 1.71
N TYR A 3 -10.40 -7.13 1.84
CA TYR A 3 -9.58 -7.26 3.07
C TYR A 3 -8.29 -6.40 2.96
N GLU A 4 -8.22 -5.27 3.68
CA GLU A 4 -6.96 -4.49 3.81
C GLU A 4 -6.01 -5.08 4.92
N ASN A 5 -4.71 -5.02 4.64
CA ASN A 5 -3.65 -5.63 5.52
C ASN A 5 -2.30 -4.82 5.44
N LYS A 6 -1.72 -4.62 4.24
CA LYS A 6 -0.50 -3.79 4.07
C LYS A 6 -0.61 -3.00 2.71
N PRO A 7 -0.98 -1.69 2.66
CA PRO A 7 -1.18 -0.96 1.38
C PRO A 7 0.11 -0.64 0.55
N ARG A 8 1.14 0.01 1.15
CA ARG A 8 2.40 0.35 0.44
C ARG A 8 3.37 -0.87 0.29
N ARG A 9 3.71 -1.22 -0.96
CA ARG A 9 4.55 -2.39 -1.30
C ARG A 9 5.75 -1.91 -2.19
N PRO A 10 7.06 -2.00 -1.78
CA PRO A 10 8.18 -1.43 -2.58
C PRO A 10 8.57 -2.16 -3.91
N TYR A 11 8.62 -3.51 -3.93
CA TYR A 11 8.84 -4.31 -5.17
C TYR A 11 7.51 -4.61 -5.92
N ILE A 12 7.49 -4.37 -7.24
CA ILE A 12 6.33 -4.70 -8.12
C ILE A 12 6.77 -5.94 -8.97
N LEU A 13 6.24 -7.12 -8.65
CA LEU A 13 6.55 -8.40 -9.35
C LEU A 13 5.32 -8.84 -10.20
N PCA A 1 -11.32 7.18 11.25
CA PCA A 1 -12.75 7.49 11.20
CB PCA A 1 -12.75 9.01 11.45
CG PCA A 1 -11.43 9.30 12.18
CD PCA A 1 -10.57 8.11 11.78
OE PCA A 1 -9.36 8.02 11.95
C PCA A 1 -13.56 7.03 9.94
O PCA A 1 -14.70 6.59 10.08
H PCA A 1 -10.93 6.32 10.91
HA PCA A 1 -13.27 6.95 11.87
HB2 PCA A 1 -12.78 9.51 10.58
HB3 PCA A 1 -13.53 9.28 12.02
HG2 PCA A 1 -11.02 10.16 11.87
HG3 PCA A 1 -11.57 9.33 13.17
N LEU A 2 -12.99 7.17 8.72
CA LEU A 2 -13.68 6.78 7.45
C LEU A 2 -12.77 5.92 6.51
N TYR A 3 -11.59 6.43 6.08
CA TYR A 3 -10.70 5.71 5.12
C TYR A 3 -9.71 4.75 5.85
N GLU A 4 -9.89 3.42 5.65
CA GLU A 4 -8.94 2.39 6.15
C GLU A 4 -7.77 2.19 5.13
N ASN A 5 -6.60 2.79 5.42
CA ASN A 5 -5.46 2.84 4.47
C ASN A 5 -4.56 1.56 4.58
N LYS A 6 -4.40 0.84 3.44
CA LYS A 6 -3.57 -0.39 3.38
C LYS A 6 -2.10 -0.07 2.95
N PRO A 7 -1.01 -0.35 3.74
CA PRO A 7 0.39 -0.02 3.34
C PRO A 7 0.91 -0.61 2.00
N ARG A 8 1.52 0.26 1.16
CA ARG A 8 2.05 -0.14 -0.17
C ARG A 8 3.50 -0.70 -0.07
N ARG A 9 3.70 -1.96 -0.50
CA ARG A 9 5.04 -2.59 -0.55
C ARG A 9 5.84 -2.15 -1.83
N PRO A 10 7.09 -1.58 -1.78
CA PRO A 10 7.88 -1.21 -2.99
C PRO A 10 8.22 -2.27 -4.10
N TYR A 11 8.18 -3.57 -3.79
CA TYR A 11 8.54 -4.66 -4.74
C TYR A 11 7.36 -5.00 -5.71
N ILE A 12 7.39 -4.42 -6.93
CA ILE A 12 6.39 -4.70 -8.00
C ILE A 12 7.14 -5.19 -9.29
N LEU A 13 6.92 -6.45 -9.69
CA LEU A 13 7.54 -7.06 -10.91
C LEU A 13 6.47 -7.91 -11.67
N PCA A 1 -19.74 6.55 -0.74
CA PCA A 1 -18.44 6.02 -1.16
CB PCA A 1 -17.84 7.23 -1.92
CG PCA A 1 -18.63 8.45 -1.44
CD PCA A 1 -19.89 7.85 -0.87
OE PCA A 1 -20.90 8.47 -0.55
C PCA A 1 -17.57 5.49 0.03
O PCA A 1 -17.28 6.22 0.98
H PCA A 1 -20.47 5.98 -0.38
HA PCA A 1 -18.50 5.20 -1.72
HB2 PCA A 1 -17.94 7.10 -2.90
HB3 PCA A 1 -16.86 7.33 -1.69
HG2 PCA A 1 -18.12 8.97 -0.75
HG3 PCA A 1 -18.84 9.07 -2.21
N LEU A 2 -17.15 4.22 -0.05
CA LEU A 2 -16.29 3.59 1.00
C LEU A 2 -14.76 3.83 0.76
N TYR A 3 -13.99 4.01 1.84
CA TYR A 3 -12.51 4.16 1.78
C TYR A 3 -11.78 2.80 1.52
N GLU A 4 -11.09 2.68 0.37
CA GLU A 4 -10.26 1.50 0.05
C GLU A 4 -8.81 1.63 0.66
N ASN A 5 -8.50 0.81 1.68
CA ASN A 5 -7.12 0.75 2.25
C ASN A 5 -6.21 -0.19 1.39
N LYS A 6 -5.45 0.39 0.44
CA LYS A 6 -4.54 -0.37 -0.46
C LYS A 6 -3.09 -0.50 0.17
N PRO A 7 -2.53 -1.71 0.50
CA PRO A 7 -1.18 -1.83 1.11
C PRO A 7 0.04 -1.28 0.30
N ARG A 8 0.90 -0.48 0.94
CA ARG A 8 2.09 0.12 0.28
C ARG A 8 3.34 -0.81 0.42
N ARG A 9 3.80 -1.38 -0.71
CA ARG A 9 5.02 -2.24 -0.77
C ARG A 9 5.96 -1.77 -1.93
N PRO A 10 7.31 -1.61 -1.79
CA PRO A 10 8.20 -1.20 -2.92
C PRO A 10 8.56 -2.26 -4.03
N TYR A 11 8.07 -3.50 -3.95
CA TYR A 11 8.33 -4.57 -4.95
C TYR A 11 7.25 -4.56 -6.07
N ILE A 12 7.68 -4.30 -7.32
CA ILE A 12 6.78 -4.36 -8.52
C ILE A 12 6.77 -5.83 -9.05
N LEU A 13 5.68 -6.55 -8.79
CA LEU A 13 5.52 -7.99 -9.17
C LEU A 13 4.65 -8.13 -10.46
N PCA A 1 -4.09 16.32 -2.36
CA PCA A 1 -4.22 14.94 -2.85
CB PCA A 1 -4.83 14.23 -1.63
CG PCA A 1 -4.43 15.10 -0.43
CD PCA A 1 -4.22 16.45 -1.06
OE PCA A 1 -4.18 17.52 -0.46
C PCA A 1 -5.03 14.77 -4.17
O PCA A 1 -6.11 15.36 -4.32
H PCA A 1 -3.93 17.09 -2.96
HA PCA A 1 -3.34 14.54 -3.15
HB2 PCA A 1 -4.47 13.30 -1.53
HB3 PCA A 1 -5.83 14.19 -1.72
HG2 PCA A 1 -5.17 15.12 0.25
HG3 PCA A 1 -3.60 14.75 0.00
N LEU A 2 -4.50 13.98 -5.12
CA LEU A 2 -5.19 13.69 -6.42
C LEU A 2 -5.21 12.15 -6.70
N TYR A 3 -4.06 11.51 -6.98
CA TYR A 3 -3.98 10.04 -7.21
C TYR A 3 -3.55 9.31 -5.89
N GLU A 4 -4.52 8.78 -5.13
CA GLU A 4 -4.25 8.02 -3.88
C GLU A 4 -3.75 6.55 -4.11
N ASN A 5 -2.77 6.11 -3.31
CA ASN A 5 -2.24 4.72 -3.38
C ASN A 5 -2.41 4.04 -1.98
N LYS A 6 -3.39 3.13 -1.85
CA LYS A 6 -3.65 2.39 -0.58
C LYS A 6 -2.62 1.25 -0.23
N PRO A 7 -2.29 0.20 -1.05
CA PRO A 7 -1.30 -0.85 -0.66
C PRO A 7 0.20 -0.40 -0.80
N ARG A 8 0.91 -0.26 0.34
CA ARG A 8 2.34 0.17 0.35
C ARG A 8 3.31 -1.05 0.16
N ARG A 9 3.77 -1.26 -1.09
CA ARG A 9 4.70 -2.37 -1.45
C ARG A 9 5.96 -1.80 -2.19
N PRO A 10 7.24 -1.97 -1.75
CA PRO A 10 8.42 -1.44 -2.49
C PRO A 10 8.79 -2.13 -3.84
N TYR A 11 8.83 -3.48 -3.89
CA TYR A 11 8.97 -4.24 -5.15
C TYR A 11 7.58 -4.55 -5.80
N ILE A 12 7.40 -4.20 -7.08
CA ILE A 12 6.17 -4.53 -7.86
C ILE A 12 6.35 -5.86 -8.66
N LEU A 13 6.15 -6.99 -7.97
CA LEU A 13 6.23 -8.36 -8.56
C LEU A 13 5.04 -9.21 -8.03
N PCA A 1 -5.47 19.74 8.00
CA PCA A 1 -5.51 18.36 7.51
CB PCA A 1 -5.22 18.57 6.00
CG PCA A 1 -5.66 20.01 5.72
CD PCA A 1 -5.54 20.66 7.08
OE PCA A 1 -5.50 21.87 7.29
C PCA A 1 -4.53 17.38 8.23
O PCA A 1 -3.32 17.63 8.29
H PCA A 1 -5.40 19.96 8.97
HA PCA A 1 -6.38 17.89 7.69
HB2 PCA A 1 -4.25 18.45 5.81
HB3 PCA A 1 -5.75 17.92 5.46
HG2 PCA A 1 -5.05 20.45 5.05
HG3 PCA A 1 -6.60 20.04 5.38
N LEU A 2 -5.05 16.26 8.77
CA LEU A 2 -4.22 15.22 9.43
C LEU A 2 -3.59 14.18 8.43
N TYR A 3 -2.54 13.47 8.89
CA TYR A 3 -1.82 12.45 8.06
C TYR A 3 -2.56 11.07 8.01
N GLU A 4 -3.06 10.69 6.82
CA GLU A 4 -3.74 9.38 6.61
C GLU A 4 -2.70 8.26 6.23
N ASN A 5 -2.69 7.16 7.01
CA ASN A 5 -1.72 6.04 6.80
C ASN A 5 -2.32 4.93 5.88
N LYS A 6 -1.78 4.78 4.66
CA LYS A 6 -2.23 3.76 3.68
C LYS A 6 -1.06 2.75 3.36
N PRO A 7 -1.05 1.46 3.81
CA PRO A 7 0.04 0.50 3.50
C PRO A 7 0.34 0.21 1.99
N ARG A 8 1.63 0.24 1.60
CA ARG A 8 2.07 0.00 0.21
C ARG A 8 3.42 -0.80 0.16
N ARG A 9 3.47 -1.86 -0.67
CA ARG A 9 4.70 -2.69 -0.83
C ARG A 9 5.66 -2.06 -1.93
N PRO A 10 6.98 -1.82 -1.69
CA PRO A 10 7.90 -1.26 -2.75
C PRO A 10 8.37 -2.19 -3.92
N TYR A 11 8.10 -3.51 -3.87
CA TYR A 11 8.50 -4.47 -4.95
C TYR A 11 7.44 -4.51 -6.09
N ILE A 12 7.87 -4.24 -7.34
CA ILE A 12 6.98 -4.33 -8.53
C ILE A 12 6.87 -5.81 -9.05
N LEU A 13 5.83 -6.53 -8.60
CA LEU A 13 5.60 -7.96 -8.95
C LEU A 13 4.08 -8.17 -9.22
N PCA A 1 1.23 -0.41 21.01
CA PCA A 1 1.59 -0.72 19.62
CB PCA A 1 0.94 0.47 18.88
CG PCA A 1 -0.19 0.94 19.80
CD PCA A 1 0.29 0.48 21.17
OE PCA A 1 -0.11 0.88 22.25
C PCA A 1 3.12 -0.89 19.36
O PCA A 1 3.92 -0.03 19.74
H PCA A 1 1.68 -0.86 21.79
HA PCA A 1 1.26 -1.61 19.31
HB2 PCA A 1 1.61 1.20 18.73
HB3 PCA A 1 0.57 0.17 18.00
HG2 PCA A 1 -0.28 1.94 19.78
HG3 PCA A 1 -1.06 0.52 19.56
N LEU A 2 3.51 -2.00 18.72
CA LEU A 2 4.94 -2.28 18.37
C LEU A 2 5.19 -2.72 16.88
N TYR A 3 4.37 -3.63 16.31
CA TYR A 3 4.51 -4.05 14.88
C TYR A 3 3.67 -3.13 13.92
N GLU A 4 4.35 -2.17 13.27
CA GLU A 4 3.69 -1.20 12.35
C GLU A 4 3.57 -1.77 10.90
N ASN A 5 2.34 -2.15 10.49
CA ASN A 5 2.08 -2.73 9.15
C ASN A 5 2.00 -1.64 8.04
N LYS A 6 2.97 -1.63 7.11
CA LYS A 6 3.04 -0.64 6.01
C LYS A 6 2.10 -1.04 4.80
N PRO A 7 1.10 -0.22 4.33
CA PRO A 7 0.15 -0.65 3.26
C PRO A 7 0.71 -0.77 1.79
N ARG A 8 1.59 0.14 1.34
CA ARG A 8 2.20 0.07 -0.02
C ARG A 8 3.42 -0.91 -0.09
N ARG A 9 3.41 -1.81 -1.09
CA ARG A 9 4.53 -2.76 -1.33
C ARG A 9 5.72 -2.09 -2.12
N PRO A 10 7.02 -2.09 -1.67
CA PRO A 10 8.13 -1.46 -2.43
C PRO A 10 8.55 -2.13 -3.78
N TYR A 11 8.60 -3.47 -3.85
CA TYR A 11 8.85 -4.20 -5.13
C TYR A 11 7.52 -4.50 -5.89
N ILE A 12 7.46 -4.13 -7.18
CA ILE A 12 6.30 -4.44 -8.08
C ILE A 12 6.55 -5.80 -8.81
N LEU A 13 5.80 -6.85 -8.42
CA LEU A 13 5.90 -8.21 -9.02
C LEU A 13 4.59 -8.50 -9.82
N PCA A 1 -3.41 -4.27 10.93
CA PCA A 1 -4.23 -3.97 9.74
CB PCA A 1 -3.44 -4.72 8.64
CG PCA A 1 -1.99 -4.81 9.18
CD PCA A 1 -2.21 -4.73 10.68
OE PCA A 1 -1.40 -5.06 11.53
C PCA A 1 -5.72 -4.40 9.87
O PCA A 1 -6.04 -5.52 10.26
H PCA A 1 -3.73 -4.12 11.87
HA PCA A 1 -4.34 -3.01 9.56
HB2 PCA A 1 -3.47 -4.20 7.79
HB3 PCA A 1 -3.82 -5.63 8.50
HG2 PCA A 1 -1.57 -5.68 8.92
HG3 PCA A 1 -1.44 -4.05 8.85
N LEU A 2 -6.63 -3.48 9.51
CA LEU A 2 -8.11 -3.75 9.52
C LEU A 2 -8.77 -3.31 8.17
N TYR A 3 -8.79 -2.00 7.86
CA TYR A 3 -9.29 -1.48 6.55
C TYR A 3 -8.12 -1.37 5.53
N GLU A 4 -7.98 -2.35 4.61
CA GLU A 4 -7.03 -2.23 3.47
C GLU A 4 -7.66 -1.41 2.30
N ASN A 5 -6.85 -0.51 1.73
CA ASN A 5 -7.30 0.44 0.66
C ASN A 5 -6.23 0.71 -0.44
N LYS A 6 -4.97 0.99 -0.09
CA LYS A 6 -3.85 1.11 -1.07
C LYS A 6 -2.58 0.42 -0.45
N PRO A 7 -2.17 -0.83 -0.81
CA PRO A 7 -1.09 -1.56 -0.08
C PRO A 7 0.34 -1.02 -0.39
N ARG A 8 0.98 -0.43 0.63
CA ARG A 8 2.31 0.25 0.47
C ARG A 8 3.53 -0.74 0.43
N ARG A 9 3.76 -1.35 -0.73
CA ARG A 9 4.78 -2.41 -0.92
C ARG A 9 5.81 -1.98 -2.04
N PRO A 10 7.10 -1.64 -1.76
CA PRO A 10 8.09 -1.25 -2.82
C PRO A 10 8.42 -2.23 -4.00
N TYR A 11 8.19 -3.54 -3.85
CA TYR A 11 8.45 -4.54 -4.92
C TYR A 11 7.34 -4.55 -6.01
N ILE A 12 7.70 -4.21 -7.26
CA ILE A 12 6.78 -4.27 -8.43
C ILE A 12 6.78 -5.75 -8.97
N LEU A 13 5.72 -6.50 -8.65
CA LEU A 13 5.57 -7.93 -9.04
C LEU A 13 4.71 -8.08 -10.33
N PCA A 1 -15.25 6.53 -0.26
CA PCA A 1 -14.39 6.25 0.90
CB PCA A 1 -13.59 5.03 0.38
CG PCA A 1 -14.49 4.40 -0.69
CD PCA A 1 -15.34 5.57 -1.15
OE PCA A 1 -15.99 5.63 -2.18
C PCA A 1 -13.52 7.46 1.35
O PCA A 1 -12.67 7.95 0.61
H PCA A 1 -15.75 7.40 -0.36
HA PCA A 1 -14.90 6.08 1.75
HB2 PCA A 1 -13.43 4.38 1.13
HB3 PCA A 1 -12.72 5.32 -0.01
HG2 PCA A 1 -13.95 4.04 -1.45
HG3 PCA A 1 -15.05 3.68 -0.31
N LEU A 2 -13.71 7.91 2.61
CA LEU A 2 -12.88 9.01 3.21
C LEU A 2 -11.39 8.68 3.55
N TYR A 3 -11.08 7.47 4.06
CA TYR A 3 -9.69 7.04 4.36
C TYR A 3 -9.54 5.53 4.01
N GLU A 4 -8.74 5.20 2.97
CA GLU A 4 -8.45 3.78 2.61
C GLU A 4 -7.22 3.24 3.42
N ASN A 5 -7.45 2.25 4.29
CA ASN A 5 -6.36 1.54 5.03
C ASN A 5 -5.73 0.42 4.14
N LYS A 6 -4.71 0.79 3.35
CA LYS A 6 -4.04 -0.14 2.38
C LYS A 6 -2.48 0.01 2.50
N PRO A 7 -1.66 -1.03 2.86
CA PRO A 7 -0.18 -0.87 2.96
C PRO A 7 0.56 -0.72 1.59
N ARG A 8 1.71 -0.01 1.61
CA ARG A 8 2.53 0.23 0.39
C ARG A 8 3.45 -0.99 0.05
N ARG A 9 3.33 -1.53 -1.17
CA ARG A 9 4.29 -2.54 -1.70
C ARG A 9 5.56 -1.85 -2.30
N PRO A 10 6.82 -2.01 -1.76
CA PRO A 10 8.03 -1.43 -2.41
C PRO A 10 8.51 -2.12 -3.74
N TYR A 11 8.50 -3.46 -3.82
CA TYR A 11 8.82 -4.22 -5.06
C TYR A 11 7.54 -4.50 -5.93
N ILE A 12 7.62 -4.23 -7.24
CA ILE A 12 6.52 -4.54 -8.20
C ILE A 12 6.70 -5.99 -8.79
N LEU A 13 5.99 -6.96 -8.18
CA LEU A 13 5.96 -8.37 -8.65
C LEU A 13 4.51 -8.94 -8.57
N PCA A 1 -15.46 7.73 4.26
CA PCA A 1 -14.49 6.79 4.86
CB PCA A 1 -14.17 5.88 3.67
CG PCA A 1 -15.40 5.99 2.74
CD PCA A 1 -15.95 7.35 3.11
OE PCA A 1 -16.75 8.01 2.44
C PCA A 1 -13.26 7.46 5.52
O PCA A 1 -12.47 8.15 4.87
H PCA A 1 -15.69 8.61 4.68
HA PCA A 1 -14.87 6.30 5.65
HB2 PCA A 1 -14.05 4.93 3.96
HB3 PCA A 1 -13.34 6.19 3.19
HG2 PCA A 1 -15.12 5.96 1.77
HG3 PCA A 1 -16.06 5.26 2.92
N LEU A 2 -13.07 7.24 6.83
CA LEU A 2 -11.88 7.77 7.59
C LEU A 2 -10.52 7.01 7.38
N TYR A 3 -10.51 5.67 7.27
CA TYR A 3 -9.27 4.88 7.03
C TYR A 3 -9.25 4.34 5.56
N GLU A 4 -8.30 4.83 4.75
CA GLU A 4 -8.12 4.38 3.33
C GLU A 4 -7.27 3.07 3.25
N ASN A 5 -7.88 1.98 2.71
CA ASN A 5 -7.17 0.69 2.49
C ASN A 5 -6.39 0.70 1.12
N LYS A 6 -5.14 1.17 1.16
CA LYS A 6 -4.31 1.35 -0.06
C LYS A 6 -2.95 0.58 0.12
N PRO A 7 -2.66 -0.58 -0.54
CA PRO A 7 -1.39 -1.35 -0.35
C PRO A 7 -0.04 -0.60 -0.62
N ARG A 8 0.82 -0.52 0.40
CA ARG A 8 2.16 0.13 0.30
C ARG A 8 3.31 -0.92 0.39
N ARG A 9 3.85 -1.34 -0.77
CA ARG A 9 5.02 -2.27 -0.85
C ARG A 9 6.02 -1.78 -1.96
N PRO A 10 7.37 -1.69 -1.76
CA PRO A 10 8.31 -1.25 -2.84
C PRO A 10 8.64 -2.22 -4.02
N TYR A 11 8.25 -3.50 -3.96
CA TYR A 11 8.52 -4.51 -5.02
C TYR A 11 7.38 -4.49 -6.09
N ILE A 12 7.72 -4.18 -7.35
CA ILE A 12 6.74 -4.19 -8.48
C ILE A 12 6.40 -5.64 -8.98
N LEU A 13 5.11 -5.87 -9.32
CA LEU A 13 4.61 -7.20 -9.78
C LEU A 13 3.58 -6.97 -10.93
N PCA A 1 -5.15 11.20 -6.81
CA PCA A 1 -6.58 10.94 -7.10
CB PCA A 1 -6.55 10.71 -8.63
CG PCA A 1 -5.08 10.42 -8.99
CD PCA A 1 -4.32 10.94 -7.79
OE PCA A 1 -3.10 11.09 -7.72
C PCA A 1 -7.27 9.82 -6.26
O PCA A 1 -8.37 10.03 -5.76
H PCA A 1 -4.84 11.55 -5.93
HA PCA A 1 -7.17 11.70 -6.83
HB2 PCA A 1 -6.87 11.53 -9.12
HB3 PCA A 1 -7.13 9.93 -8.88
HG2 PCA A 1 -4.93 9.44 -9.11
HG3 PCA A 1 -4.81 10.89 -9.82
N LEU A 2 -6.65 8.63 -6.13
CA LEU A 2 -7.22 7.50 -5.34
C LEU A 2 -6.88 7.61 -3.81
N TYR A 3 -7.80 7.17 -2.94
CA TYR A 3 -7.58 7.11 -1.47
C TYR A 3 -6.65 5.91 -1.06
N GLU A 4 -5.56 6.21 -0.34
CA GLU A 4 -4.66 5.16 0.22
C GLU A 4 -5.29 4.43 1.46
N ASN A 5 -5.26 3.09 1.44
CA ASN A 5 -5.95 2.24 2.46
C ASN A 5 -5.10 1.01 2.89
N LYS A 6 -4.77 0.09 1.97
CA LYS A 6 -3.94 -1.10 2.29
C LYS A 6 -2.42 -0.80 1.98
N PRO A 7 -1.45 -0.74 2.95
CA PRO A 7 -0.06 -0.28 2.69
C PRO A 7 0.73 -0.93 1.52
N ARG A 8 1.19 -0.07 0.59
CA ARG A 8 1.91 -0.50 -0.65
C ARG A 8 3.36 -1.04 -0.41
N ARG A 9 3.70 -2.18 -1.02
CA ARG A 9 5.07 -2.77 -0.94
C ARG A 9 6.12 -2.07 -1.88
N PRO A 10 7.45 -2.02 -1.56
CA PRO A 10 8.47 -1.44 -2.49
C PRO A 10 8.74 -2.18 -3.84
N TYR A 11 8.75 -3.53 -3.85
CA TYR A 11 8.80 -4.34 -5.09
C TYR A 11 7.39 -4.48 -5.75
N ILE A 12 7.25 -3.99 -6.99
CA ILE A 12 5.98 -4.12 -7.79
C ILE A 12 6.03 -5.40 -8.70
N LEU A 13 4.90 -6.14 -8.73
CA LEU A 13 4.76 -7.38 -9.54
C LEU A 13 4.10 -7.07 -10.92
N PCA A 1 -18.22 1.73 4.20
CA PCA A 1 -16.84 1.89 3.72
CB PCA A 1 -16.45 0.42 3.42
CG PCA A 1 -17.77 -0.35 3.29
CD PCA A 1 -18.77 0.55 3.99
OE PCA A 1 -19.91 0.26 4.31
C PCA A 1 -16.72 2.85 2.50
O PCA A 1 -17.29 2.60 1.43
H PCA A 1 -18.72 2.47 4.66
HA PCA A 1 -16.23 2.33 4.37
HB2 PCA A 1 -15.90 0.04 4.17
HB3 PCA A 1 -15.93 0.37 2.56
HG2 PCA A 1 -18.03 -0.47 2.32
HG3 PCA A 1 -17.72 -1.24 3.74
N LEU A 2 -15.96 3.95 2.67
CA LEU A 2 -15.71 4.95 1.58
C LEU A 2 -14.19 5.07 1.23
N TYR A 3 -13.34 5.54 2.16
CA TYR A 3 -11.87 5.65 1.93
C TYR A 3 -11.15 4.32 2.36
N GLU A 4 -10.61 3.58 1.37
CA GLU A 4 -9.81 2.34 1.64
C GLU A 4 -8.35 2.63 2.11
N ASN A 5 -7.84 1.81 3.05
CA ASN A 5 -6.46 1.94 3.60
C ASN A 5 -5.68 0.60 3.37
N LYS A 6 -4.80 0.57 2.34
CA LYS A 6 -4.10 -0.66 1.91
C LYS A 6 -2.56 -0.42 1.82
N PRO A 7 -1.66 -0.97 2.71
CA PRO A 7 -0.20 -0.71 2.65
C PRO A 7 0.55 -1.02 1.31
N ARG A 8 1.36 -0.05 0.84
CA ARG A 8 2.09 -0.16 -0.45
C ARG A 8 3.43 -0.94 -0.30
N ARG A 9 3.60 -2.01 -1.10
CA ARG A 9 4.85 -2.82 -1.09
C ARG A 9 5.95 -2.17 -2.02
N PRO A 10 7.22 -1.89 -1.57
CA PRO A 10 8.30 -1.37 -2.46
C PRO A 10 8.64 -2.13 -3.79
N TYR A 11 8.67 -3.48 -3.77
CA TYR A 11 8.80 -4.30 -5.00
C TYR A 11 7.42 -4.51 -5.71
N ILE A 12 7.32 -4.08 -6.99
CA ILE A 12 6.11 -4.31 -7.83
C ILE A 12 6.33 -5.57 -8.73
N LEU A 13 5.73 -6.71 -8.33
CA LEU A 13 5.87 -8.02 -9.04
C LEU A 13 4.56 -8.37 -9.80
N PCA A 1 -6.35 -0.96 12.75
CA PCA A 1 -6.63 -0.91 11.30
CB PCA A 1 -5.20 -1.09 10.72
CG PCA A 1 -4.26 -0.60 11.83
CD PCA A 1 -5.09 -0.80 13.07
OE PCA A 1 -4.67 -0.85 14.23
C PCA A 1 -7.66 -1.96 10.80
O PCA A 1 -7.69 -3.11 11.25
H PCA A 1 -7.07 -1.10 13.43
HA PCA A 1 -7.09 -0.08 11.02
HB2 PCA A 1 -5.02 -2.05 10.51
HB3 PCA A 1 -5.10 -0.53 9.90
HG2 PCA A 1 -3.42 -1.13 11.86
HG3 PCA A 1 -4.04 0.38 11.71
N LEU A 2 -8.51 -1.55 9.83
CA LEU A 2 -9.54 -2.45 9.22
C LEU A 2 -9.76 -2.16 7.70
N TYR A 3 -10.10 -0.92 7.30
CA TYR A 3 -10.22 -0.53 5.87
C TYR A 3 -8.85 0.03 5.36
N GLU A 4 -8.16 -0.73 4.49
CA GLU A 4 -7.01 -0.19 3.70
C GLU A 4 -7.51 0.60 2.45
N ASN A 5 -6.99 1.82 2.31
CA ASN A 5 -7.26 2.69 1.12
C ASN A 5 -6.25 2.45 -0.05
N LYS A 6 -4.92 2.40 0.18
CA LYS A 6 -3.91 2.19 -0.89
C LYS A 6 -2.69 1.39 -0.30
N PRO A 7 -2.47 0.06 -0.59
CA PRO A 7 -1.42 -0.74 0.10
C PRO A 7 0.05 -0.43 -0.36
N ARG A 8 0.94 -0.17 0.62
CA ARG A 8 2.34 0.23 0.35
C ARG A 8 3.28 -1.01 0.18
N ARG A 9 3.70 -1.30 -1.07
CA ARG A 9 4.68 -2.39 -1.37
C ARG A 9 5.90 -1.83 -2.20
N PRO A 10 7.20 -1.95 -1.78
CA PRO A 10 8.35 -1.41 -2.56
C PRO A 10 8.73 -2.15 -3.88
N TYR A 11 8.79 -3.50 -3.87
CA TYR A 11 9.00 -4.31 -5.11
C TYR A 11 7.64 -4.58 -5.84
N ILE A 12 7.56 -4.21 -7.14
CA ILE A 12 6.32 -4.40 -7.96
C ILE A 12 6.31 -5.80 -8.66
N LEU A 13 5.72 -6.80 -7.96
CA LEU A 13 5.50 -8.16 -8.50
C LEU A 13 3.97 -8.42 -8.74
N PCA A 1 -7.18 14.54 -0.15
CA PCA A 1 -8.42 14.03 -0.76
CB PCA A 1 -8.50 14.87 -2.05
CG PCA A 1 -7.66 16.13 -1.76
CD PCA A 1 -6.75 15.68 -0.65
OE PCA A 1 -5.74 16.27 -0.26
C PCA A 1 -8.52 12.48 -0.93
O PCA A 1 -9.50 11.88 -0.48
H PCA A 1 -6.70 14.07 0.60
HA PCA A 1 -9.22 14.13 -0.17
HB2 PCA A 1 -9.45 15.12 -2.25
HB3 PCA A 1 -8.11 14.37 -2.83
HG2 PCA A 1 -7.14 16.41 -2.57
HG3 PCA A 1 -8.25 16.89 -1.46
N LEU A 2 -7.53 11.83 -1.57
CA LEU A 2 -7.50 10.35 -1.74
C LEU A 2 -6.78 9.67 -0.53
N TYR A 3 -7.51 8.84 0.23
CA TYR A 3 -6.96 8.13 1.43
C TYR A 3 -6.56 6.66 1.11
N GLU A 4 -5.27 6.32 1.25
CA GLU A 4 -4.73 4.96 1.01
C GLU A 4 -4.89 4.02 2.27
N ASN A 5 -5.98 3.26 2.29
CA ASN A 5 -6.29 2.31 3.43
C ASN A 5 -5.36 1.05 3.56
N LYS A 6 -5.01 0.36 2.46
CA LYS A 6 -4.08 -0.80 2.47
C LYS A 6 -2.59 -0.39 2.15
N PRO A 7 -1.52 -0.89 2.85
CA PRO A 7 -0.13 -0.39 2.64
C PRO A 7 0.55 -0.83 1.31
N ARG A 8 1.40 0.06 0.75
CA ARG A 8 2.09 -0.18 -0.55
C ARG A 8 3.45 -0.92 -0.35
N ARG A 9 3.62 -2.08 -1.01
CA ARG A 9 4.89 -2.85 -0.99
C ARG A 9 5.96 -2.24 -1.97
N PRO A 10 7.22 -1.87 -1.57
CA PRO A 10 8.26 -1.33 -2.51
C PRO A 10 8.63 -2.11 -3.81
N TYR A 11 8.65 -3.45 -3.78
CA TYR A 11 8.79 -4.29 -5.00
C TYR A 11 7.39 -4.60 -5.65
N ILE A 12 7.21 -4.17 -6.91
CA ILE A 12 5.99 -4.51 -7.72
C ILE A 12 6.48 -5.51 -8.83
N LEU A 13 6.27 -6.81 -8.60
CA LEU A 13 6.73 -7.89 -9.52
C LEU A 13 5.59 -8.93 -9.72
#